data_9FFE
#
_entry.id   9FFE
#
_cell.length_a   43.045
_cell.length_b   50.500
_cell.length_c   53.092
_cell.angle_alpha   88.100
_cell.angle_beta   68.130
_cell.angle_gamma   74.280
#
_symmetry.space_group_name_H-M   'P 1'
#
loop_
_entity.id
_entity.type
_entity.pdbx_description
1 polymer 'FAD-binding PCMH-type domain-containing protein'
2 non-polymer 2-acetamido-2-deoxy-beta-D-glucopyranose
3 non-polymer 'FLAVIN-ADENINE DINUCLEOTIDE'
4 non-polymer 'OXYGEN MOLECULE'
5 non-polymer alpha-D-mannopyranose
6 water water
#
_entity_poly.entity_id   1
_entity_poly.type   'polypeptide(L)'
_entity_poly.pdbx_seq_one_letter_code
;FATAGEIGACLDKAGIQNSVPTTSTWKADTEAWNSRVSPVPSAVAFPKNEEEVSAALKCAADGGVKVTTLGGNRSFSSMG
FGRNDGALIMNLKHLKHLEYDASTGLLSYGGPVMISEAANYMWSKAKRTLPHGRCPDVGMTGVAASGFGTLSRASGTVLD
NIESVRVALANGSIVDADAKQNSDLFWGVRGAASSLGVVLDFKIKTFDPPSQRVTNYTIEFNSSAKPTQQDNVDALVGTQ
TWALSKDNSDLLSIRFGLNVKSKLQGFFYGSGAEAKTVFDSLMKNLPPSMVLKTNEYDFWASEAISTPGLVDQTLTPRRY
FYIASVTIPRSKPLTNATAWELFSNTAFAPKLVDASASGFVDIWGGKYAKGVKADDSAWKHDNNLHLVRWDMRSSAFDVK
FADSTMTTMRNSFYKFVDAYKASGGVPGGFTTYRDEKWTVEEMAEYLYGGGNFAKLQKIKTAYDPNEVFNTDPQAIPAL
;
_entity_poly.pdbx_strand_id   A
#
loop_
_chem_comp.id
_chem_comp.type
_chem_comp.name
_chem_comp.formula
FAD non-polymer 'FLAVIN-ADENINE DINUCLEOTIDE' 'C27 H33 N9 O15 P2'
MAN D-saccharide, alpha linking alpha-D-mannopyranose 'C6 H12 O6'
NAG D-saccharide, beta linking 2-acetamido-2-deoxy-beta-D-glucopyranose 'C8 H15 N O6'
OXY non-polymer 'OXYGEN MOLECULE' O2
#
# COMPACT_ATOMS: atom_id res chain seq x y z
N GLU A 6 10.47 -1.53 33.43
CA GLU A 6 10.63 -0.08 33.64
C GLU A 6 9.57 0.71 32.86
N ILE A 7 9.60 0.63 31.53
CA ILE A 7 8.50 1.18 30.74
C ILE A 7 7.17 0.59 31.22
N GLY A 8 7.16 -0.71 31.53
CA GLY A 8 5.95 -1.35 31.99
C GLY A 8 5.49 -0.84 33.34
N ALA A 9 6.42 -0.33 34.15
CA ALA A 9 6.06 0.19 35.46
C ALA A 9 5.53 1.61 35.36
N CYS A 10 6.13 2.44 34.51
CA CYS A 10 5.54 3.75 34.23
C CYS A 10 4.11 3.60 33.70
N LEU A 11 3.89 2.65 32.79
CA LEU A 11 2.55 2.47 32.22
C LEU A 11 1.57 2.03 33.29
N ASP A 12 1.92 0.99 34.04
CA ASP A 12 1.10 0.57 35.19
C ASP A 12 0.83 1.73 36.13
N LYS A 13 1.80 2.63 36.28
CA LYS A 13 1.60 3.78 37.14
C LYS A 13 0.48 4.67 36.62
N ALA A 14 0.40 4.84 35.30
CA ALA A 14 -0.57 5.75 34.72
C ALA A 14 -1.96 5.13 34.56
N GLY A 15 -2.13 3.87 34.92
CA GLY A 15 -3.40 3.18 34.67
C GLY A 15 -3.60 2.75 33.23
N ILE A 16 -2.54 2.52 32.48
CA ILE A 16 -2.65 2.16 31.07
C ILE A 16 -2.49 0.64 30.93
N GLN A 17 -3.55 -0.01 30.44
CA GLN A 17 -3.47 -1.41 30.03
C GLN A 17 -2.27 -1.63 29.14
N ASN A 18 -1.47 -2.65 29.46
CA ASN A 18 -0.25 -2.84 28.69
C ASN A 18 0.20 -4.29 28.77
N SER A 19 1.02 -4.69 27.80
N SER A 19 0.99 -4.69 27.78
CA SER A 19 1.56 -6.05 27.73
CA SER A 19 1.57 -6.02 27.71
C SER A 19 3.08 -5.97 27.67
C SER A 19 3.09 -5.89 27.73
N VAL A 20 3.74 -6.68 28.57
CA VAL A 20 5.20 -6.74 28.62
C VAL A 20 5.60 -8.21 28.46
N PRO A 21 6.89 -8.54 28.25
CA PRO A 21 7.23 -9.95 27.99
C PRO A 21 6.74 -10.91 29.04
N THR A 22 6.55 -10.42 30.27
CA THR A 22 5.96 -11.23 31.32
C THR A 22 4.51 -11.59 31.07
N THR A 23 3.75 -10.70 30.45
CA THR A 23 2.30 -10.88 30.39
C THR A 23 1.96 -12.20 29.73
N SER A 24 0.88 -12.83 30.20
CA SER A 24 0.56 -14.17 29.72
C SER A 24 0.20 -14.18 28.23
N THR A 25 -0.20 -13.04 27.67
CA THR A 25 -0.58 -12.92 26.27
C THR A 25 0.47 -12.21 25.43
N TRP A 26 1.71 -12.12 25.93
CA TRP A 26 2.78 -11.43 25.20
C TRP A 26 2.92 -11.92 23.77
N LYS A 27 2.92 -13.25 23.57
CA LYS A 27 3.21 -13.83 22.26
C LYS A 27 2.17 -13.41 21.22
N ALA A 28 0.88 -13.54 21.58
CA ALA A 28 -0.19 -13.13 20.68
C ALA A 28 -0.18 -11.62 20.44
N ASP A 29 0.23 -10.82 21.43
CA ASP A 29 0.20 -9.36 21.30
C ASP A 29 1.34 -8.81 20.44
N THR A 30 2.37 -9.62 20.18
CA THR A 30 3.54 -9.14 19.43
C THR A 30 3.81 -9.97 18.17
N GLU A 31 2.80 -10.67 17.67
CA GLU A 31 2.96 -11.49 16.48
C GLU A 31 2.69 -10.64 15.24
N ALA A 32 3.73 -10.42 14.41
CA ALA A 32 3.59 -9.68 13.16
C ALA A 32 3.18 -10.60 12.02
N TRP A 33 2.76 -10.01 10.89
CA TRP A 33 2.19 -10.84 9.81
C TRP A 33 3.26 -11.57 8.99
N ASN A 34 4.40 -10.94 8.73
CA ASN A 34 5.47 -11.58 7.97
C ASN A 34 6.29 -12.42 8.93
N SER A 35 6.26 -13.74 8.78
CA SER A 35 7.00 -14.61 9.68
C SER A 35 8.50 -14.54 9.47
N ARG A 36 8.95 -13.90 8.40
CA ARG A 36 10.38 -13.69 8.22
C ARG A 36 10.95 -12.55 9.09
N VAL A 37 10.12 -11.59 9.51
CA VAL A 37 10.61 -10.42 10.24
C VAL A 37 9.90 -10.39 11.60
N SER A 38 10.66 -10.56 12.68
CA SER A 38 10.11 -10.80 14.02
C SER A 38 10.66 -9.81 15.03
N PRO A 39 10.10 -8.59 15.10
CA PRO A 39 10.56 -7.66 16.13
C PRO A 39 10.15 -8.10 17.55
N VAL A 40 11.07 -7.97 18.48
CA VAL A 40 10.78 -8.09 19.91
C VAL A 40 10.62 -6.69 20.48
N PRO A 41 9.42 -6.24 20.81
CA PRO A 41 9.25 -4.90 21.37
C PRO A 41 9.41 -4.92 22.89
N SER A 42 9.51 -3.72 23.46
CA SER A 42 9.62 -3.60 24.91
C SER A 42 8.26 -3.71 25.58
N ALA A 43 7.18 -3.26 24.93
CA ALA A 43 5.87 -3.24 25.55
C ALA A 43 4.84 -2.90 24.49
N VAL A 44 3.59 -3.30 24.73
CA VAL A 44 2.44 -2.93 23.92
C VAL A 44 1.46 -2.21 24.82
N ALA A 45 1.13 -0.96 24.46
CA ALA A 45 0.17 -0.16 25.23
C ALA A 45 -1.19 -0.25 24.57
N PHE A 46 -2.24 -0.28 25.38
CA PHE A 46 -3.62 -0.33 24.89
C PHE A 46 -4.40 0.83 25.47
N PRO A 47 -4.12 2.06 25.04
CA PRO A 47 -4.82 3.21 25.62
C PRO A 47 -6.31 3.21 25.32
N LYS A 48 -7.08 3.71 26.29
CA LYS A 48 -8.54 3.70 26.25
C LYS A 48 -9.14 5.03 25.77
N ASN A 49 -8.37 6.12 25.81
CA ASN A 49 -8.82 7.41 25.31
C ASN A 49 -7.58 8.22 24.93
N GLU A 50 -7.80 9.48 24.56
CA GLU A 50 -6.65 10.30 24.17
C GLU A 50 -5.77 10.65 25.36
N GLU A 51 -6.35 10.69 26.57
CA GLU A 51 -5.54 10.88 27.77
C GLU A 51 -4.51 9.78 27.93
N GLU A 52 -4.93 8.52 27.72
CA GLU A 52 -3.97 7.43 27.87
C GLU A 52 -2.95 7.42 26.74
N VAL A 53 -3.30 7.96 25.56
CA VAL A 53 -2.33 8.03 24.48
C VAL A 53 -1.20 8.98 24.84
N SER A 54 -1.55 10.20 25.28
CA SER A 54 -0.54 11.12 25.77
C SER A 54 0.24 10.55 26.96
N ALA A 55 -0.46 9.90 27.90
CA ALA A 55 0.23 9.38 29.08
C ALA A 55 1.19 8.26 28.71
N ALA A 56 0.83 7.43 27.73
CA ALA A 56 1.75 6.39 27.28
C ALA A 56 2.96 7.00 26.58
N LEU A 57 2.76 8.04 25.77
CA LEU A 57 3.89 8.64 25.09
C LEU A 57 4.83 9.34 26.06
N LYS A 58 4.29 9.91 27.14
CA LYS A 58 5.18 10.50 28.14
C LYS A 58 6.09 9.45 28.75
N CYS A 59 5.54 8.27 29.07
CA CYS A 59 6.36 7.18 29.58
C CYS A 59 7.49 6.84 28.62
N ALA A 60 7.19 6.76 27.32
CA ALA A 60 8.24 6.48 26.36
C ALA A 60 9.26 7.61 26.29
N ALA A 61 8.77 8.86 26.20
CA ALA A 61 9.67 10.00 26.23
C ALA A 61 10.51 10.01 27.50
N ASP A 62 9.86 9.84 28.67
CA ASP A 62 10.58 9.76 29.94
C ASP A 62 11.70 8.73 29.89
N GLY A 63 11.42 7.54 29.34
CA GLY A 63 12.35 6.42 29.30
C GLY A 63 13.29 6.38 28.14
N GLY A 64 13.09 7.23 27.14
CA GLY A 64 13.87 7.13 25.93
C GLY A 64 13.46 6.00 25.03
N VAL A 65 12.31 5.37 25.28
CA VAL A 65 11.84 4.25 24.47
C VAL A 65 11.28 4.77 23.15
N LYS A 66 11.56 4.08 22.06
CA LYS A 66 11.01 4.48 20.79
C LYS A 66 9.59 3.93 20.62
N VAL A 67 8.78 4.65 19.82
CA VAL A 67 7.36 4.35 19.66
C VAL A 67 7.04 4.10 18.20
N THR A 68 6.22 3.07 17.95
CA THR A 68 5.49 2.92 16.70
C THR A 68 4.06 2.51 17.03
N THR A 69 3.15 2.68 16.07
CA THR A 69 1.76 2.39 16.37
C THR A 69 1.22 1.38 15.35
N LEU A 70 0.26 0.58 15.79
CA LEU A 70 -0.24 -0.53 15.02
C LEU A 70 -1.47 -0.09 14.23
N GLY A 71 -1.52 -0.51 12.96
CA GLY A 71 -2.71 -0.31 12.16
C GLY A 71 -3.49 -1.61 12.14
N GLY A 72 -3.58 -2.26 10.97
CA GLY A 72 -4.16 -3.57 10.91
C GLY A 72 -3.18 -4.72 11.02
N ASN A 73 -1.90 -4.44 11.28
CA ASN A 73 -0.85 -5.46 11.43
C ASN A 73 -0.74 -6.37 10.18
N ARG A 74 -0.71 -5.72 9.02
CA ARG A 74 -0.58 -6.42 7.74
C ARG A 74 0.54 -5.80 6.92
N SER A 75 1.56 -5.26 7.60
CA SER A 75 2.75 -4.80 6.89
C SER A 75 3.44 -5.98 6.23
N PHE A 76 3.70 -5.83 4.92
CA PHE A 76 4.56 -6.76 4.19
C PHE A 76 5.93 -6.91 4.83
N SER A 77 6.31 -6.06 5.78
CA SER A 77 7.63 -6.18 6.40
C SER A 77 7.58 -6.05 7.93
N SER A 78 6.42 -6.34 8.54
CA SER A 78 6.29 -6.38 9.99
C SER A 78 6.63 -5.02 10.61
N MET A 79 6.32 -3.95 9.85
CA MET A 79 6.65 -2.58 10.27
C MET A 79 5.96 -2.19 11.56
N GLY A 80 4.76 -2.73 11.81
CA GLY A 80 3.95 -2.29 12.92
C GLY A 80 4.56 -2.59 14.25
N PHE A 81 5.55 -3.47 14.31
CA PHE A 81 6.17 -3.85 15.58
C PHE A 81 7.61 -3.37 15.71
N GLY A 82 8.12 -2.64 14.74
CA GLY A 82 9.50 -2.25 14.82
C GLY A 82 9.95 -1.44 13.62
N ARG A 83 10.83 -2.01 12.78
CA ARG A 83 11.35 -3.36 12.90
C ARG A 83 12.42 -3.53 13.98
N ASN A 84 12.97 -2.42 14.49
CA ASN A 84 13.97 -2.51 15.55
C ASN A 84 13.34 -3.06 16.82
N ASP A 85 14.12 -3.86 17.56
CA ASP A 85 13.66 -4.38 18.84
C ASP A 85 13.53 -3.24 19.87
N GLY A 86 12.70 -3.48 20.89
CA GLY A 86 12.66 -2.65 22.08
C GLY A 86 11.75 -1.45 22.03
N ALA A 87 10.83 -1.39 21.08
CA ALA A 87 9.91 -0.27 20.95
C ALA A 87 8.70 -0.44 21.87
N LEU A 88 8.05 0.67 22.16
CA LEU A 88 6.70 0.67 22.71
C LEU A 88 5.73 0.60 21.55
N ILE A 89 4.82 -0.36 21.58
CA ILE A 89 3.80 -0.52 20.53
C ILE A 89 2.50 0.11 21.01
N MET A 90 1.98 1.04 20.21
CA MET A 90 0.72 1.71 20.48
C MET A 90 -0.37 0.91 19.77
N ASN A 91 -1.09 0.09 20.52
CA ASN A 91 -2.21 -0.68 20.01
C ASN A 91 -3.48 0.13 20.27
N LEU A 92 -4.08 0.66 19.20
CA LEU A 92 -5.23 1.54 19.29
C LEU A 92 -6.56 0.81 19.20
N LYS A 93 -6.63 -0.45 19.67
CA LYS A 93 -7.84 -1.25 19.46
C LYS A 93 -9.03 -0.68 20.22
N HIS A 94 -8.79 0.11 21.28
CA HIS A 94 -9.89 0.71 22.02
C HIS A 94 -10.41 1.96 21.36
N LEU A 95 -9.65 2.55 20.45
CA LEU A 95 -10.03 3.76 19.74
C LEU A 95 -10.61 3.48 18.35
N LYS A 96 -10.91 2.22 18.05
CA LYS A 96 -11.48 1.83 16.77
C LYS A 96 -12.80 2.55 16.52
N HIS A 97 -12.96 3.11 15.32
CA HIS A 97 -14.25 3.74 15.00
C HIS A 97 -14.45 3.89 13.49
N LEU A 98 -15.72 4.00 13.09
CA LEU A 98 -16.14 4.18 11.72
C LEU A 98 -17.36 5.09 11.73
N GLU A 99 -17.27 6.30 11.15
CA GLU A 99 -18.36 7.28 11.20
C GLU A 99 -18.46 8.06 9.89
N TYR A 100 -19.58 7.92 9.18
CA TYR A 100 -19.78 8.56 7.89
C TYR A 100 -20.55 9.86 8.05
N ASP A 101 -19.95 10.96 7.61
CA ASP A 101 -20.53 12.29 7.70
C ASP A 101 -21.21 12.60 6.36
N ALA A 102 -22.52 12.40 6.30
CA ALA A 102 -23.24 12.64 5.06
C ALA A 102 -23.13 14.08 4.59
N SER A 103 -22.82 15.02 5.47
CA SER A 103 -22.70 16.41 5.04
C SER A 103 -21.45 16.64 4.20
N THR A 104 -20.33 16.00 4.53
CA THR A 104 -19.08 16.17 3.81
C THR A 104 -18.75 15.00 2.88
N GLY A 105 -19.51 13.91 2.91
CA GLY A 105 -19.10 12.73 2.18
C GLY A 105 -17.89 12.03 2.75
N LEU A 106 -17.43 12.42 3.94
CA LEU A 106 -16.20 11.92 4.53
C LEU A 106 -16.47 10.78 5.50
N LEU A 107 -15.64 9.74 5.40
CA LEU A 107 -15.61 8.67 6.40
C LEU A 107 -14.50 8.97 7.37
N SER A 108 -14.82 8.93 8.65
CA SER A 108 -13.86 9.13 9.72
C SER A 108 -13.59 7.78 10.36
N TYR A 109 -12.30 7.45 10.52
CA TYR A 109 -11.91 6.12 11.00
C TYR A 109 -10.56 6.15 11.71
N GLY A 110 -10.36 5.16 12.58
CA GLY A 110 -9.11 5.03 13.30
C GLY A 110 -9.04 3.72 14.04
N GLY A 111 -7.84 3.43 14.56
CA GLY A 111 -7.60 2.16 15.21
C GLY A 111 -7.36 1.08 14.17
N PRO A 112 -7.57 -0.18 14.55
CA PRO A 112 -7.18 -1.28 13.65
C PRO A 112 -8.28 -1.64 12.66
N VAL A 113 -8.99 -0.63 12.19
CA VAL A 113 -10.15 -0.83 11.33
C VAL A 113 -9.70 -1.45 10.02
N MET A 114 -10.38 -2.53 9.61
CA MET A 114 -9.96 -3.27 8.42
C MET A 114 -10.64 -2.73 7.15
N ILE A 115 -9.94 -2.88 6.02
CA ILE A 115 -10.52 -2.53 4.72
C ILE A 115 -11.93 -3.10 4.58
N SER A 116 -12.10 -4.38 4.90
CA SER A 116 -13.41 -5.00 4.70
C SER A 116 -14.45 -4.36 5.61
N GLU A 117 -14.06 -3.98 6.81
CA GLU A 117 -14.98 -3.37 7.76
C GLU A 117 -15.45 -2.01 7.27
N ALA A 118 -14.52 -1.20 6.75
CA ALA A 118 -14.85 0.09 6.15
C ALA A 118 -15.80 -0.05 4.98
N ALA A 119 -15.56 -1.04 4.12
CA ALA A 119 -16.39 -1.19 2.94
C ALA A 119 -17.80 -1.64 3.32
N ASN A 120 -17.90 -2.58 4.24
CA ASN A 120 -19.21 -3.07 4.62
C ASN A 120 -20.02 -1.98 5.30
N TYR A 121 -19.37 -1.18 6.15
CA TYR A 121 -20.05 -0.05 6.76
C TYR A 121 -20.56 0.92 5.71
N MET A 122 -19.64 1.48 4.92
CA MET A 122 -20.06 2.41 3.85
C MET A 122 -21.15 1.82 2.98
N TRP A 123 -21.11 0.51 2.73
CA TRP A 123 -22.12 -0.06 1.85
C TRP A 123 -23.48 -0.07 2.51
N SER A 124 -23.56 -0.55 3.75
CA SER A 124 -24.86 -0.68 4.38
C SER A 124 -25.32 0.62 5.02
N LYS A 125 -24.39 1.54 5.28
CA LYS A 125 -24.82 2.88 5.68
C LYS A 125 -25.48 3.61 4.51
N ALA A 126 -24.72 3.88 3.45
CA ALA A 126 -25.16 4.80 2.43
C ALA A 126 -25.12 4.25 1.01
N LYS A 127 -24.93 2.94 0.84
CA LYS A 127 -24.69 2.34 -0.49
C LYS A 127 -23.61 3.12 -1.24
N ARG A 128 -22.50 3.35 -0.55
CA ARG A 128 -21.35 4.09 -1.08
C ARG A 128 -20.12 3.21 -1.07
N THR A 129 -19.09 3.68 -1.78
CA THR A 129 -17.79 3.02 -1.82
C THR A 129 -16.72 3.98 -1.32
N LEU A 130 -15.47 3.52 -1.30
CA LEU A 130 -14.35 4.33 -0.85
C LEU A 130 -13.08 3.72 -1.41
N PRO A 131 -12.02 4.51 -1.60
CA PRO A 131 -10.77 3.93 -2.09
C PRO A 131 -10.26 2.89 -1.11
N HIS A 132 -9.80 1.76 -1.64
CA HIS A 132 -9.28 0.72 -0.77
C HIS A 132 -8.49 -0.30 -1.57
N GLY A 133 -7.55 -0.96 -0.89
CA GLY A 133 -6.79 -2.05 -1.47
C GLY A 133 -7.62 -3.32 -1.63
N ARG A 134 -6.96 -4.37 -2.12
CA ARG A 134 -7.67 -5.58 -2.53
C ARG A 134 -7.45 -6.75 -1.57
N CYS A 135 -6.99 -6.47 -0.33
CA CYS A 135 -6.89 -7.45 0.75
C CYS A 135 -7.84 -7.06 1.85
N PRO A 136 -8.72 -7.95 2.29
CA PRO A 136 -9.78 -7.54 3.21
C PRO A 136 -9.29 -7.15 4.60
N ASP A 137 -8.20 -7.73 5.09
CA ASP A 137 -7.81 -7.54 6.48
C ASP A 137 -6.69 -6.52 6.65
N VAL A 138 -6.32 -5.81 5.59
CA VAL A 138 -5.37 -4.71 5.73
C VAL A 138 -6.02 -3.58 6.50
N GLY A 139 -5.24 -2.95 7.38
CA GLY A 139 -5.73 -1.84 8.15
C GLY A 139 -5.88 -0.61 7.28
N MET A 140 -7.02 0.07 7.40
CA MET A 140 -7.21 1.31 6.65
C MET A 140 -6.19 2.37 7.04
N THR A 141 -5.71 2.37 8.30
CA THR A 141 -4.77 3.40 8.69
C THR A 141 -3.41 3.18 8.03
N GLY A 142 -2.95 1.93 7.98
CA GLY A 142 -1.66 1.65 7.36
C GLY A 142 -1.66 1.82 5.86
N VAL A 143 -2.78 1.50 5.21
CA VAL A 143 -2.83 1.55 3.75
C VAL A 143 -2.92 2.98 3.25
N ALA A 144 -3.22 3.94 4.14
CA ALA A 144 -3.26 5.32 3.72
C ALA A 144 -1.87 5.91 3.49
N ALA A 145 -0.80 5.13 3.68
CA ALA A 145 0.52 5.53 3.22
C ALA A 145 0.64 5.51 1.70
N SER A 146 -0.26 4.81 1.01
CA SER A 146 -0.45 4.94 -0.44
C SER A 146 -1.78 4.32 -0.80
N GLY A 147 -1.79 3.03 -1.09
CA GLY A 147 -3.03 2.30 -1.25
C GLY A 147 -3.59 2.39 -2.66
N PHE A 148 -3.43 1.32 -3.43
CA PHE A 148 -3.91 1.24 -4.80
C PHE A 148 -5.01 0.19 -4.89
N GLY A 149 -6.14 0.57 -5.50
CA GLY A 149 -7.28 -0.30 -5.63
C GLY A 149 -7.83 -0.28 -7.05
N THR A 150 -8.99 -0.91 -7.29
CA THR A 150 -9.46 -1.01 -8.67
C THR A 150 -9.98 0.31 -9.19
N LEU A 151 -10.33 1.23 -8.31
CA LEU A 151 -10.87 2.50 -8.71
C LEU A 151 -9.82 3.61 -8.68
N SER A 152 -8.56 3.26 -8.51
CA SER A 152 -7.54 4.28 -8.26
C SER A 152 -7.19 5.06 -9.51
N ARG A 153 -7.25 4.43 -10.69
CA ARG A 153 -7.07 5.16 -11.93
C ARG A 153 -8.10 6.25 -12.10
N ALA A 154 -9.32 6.03 -11.60
CA ALA A 154 -10.43 6.98 -11.68
C ALA A 154 -10.43 7.99 -10.53
N SER A 155 -10.02 7.57 -9.32
CA SER A 155 -10.28 8.31 -8.10
C SER A 155 -9.04 8.62 -7.26
N GLY A 156 -7.85 8.15 -7.65
CA GLY A 156 -6.66 8.35 -6.87
C GLY A 156 -6.44 7.24 -5.85
N THR A 157 -5.25 7.24 -5.27
CA THR A 157 -4.93 6.27 -4.22
C THR A 157 -5.67 6.59 -2.93
N VAL A 158 -5.53 5.70 -1.96
CA VAL A 158 -6.08 5.94 -0.63
C VAL A 158 -5.51 7.24 -0.06
N LEU A 159 -4.19 7.37 -0.10
CA LEU A 159 -3.54 8.58 0.39
C LEU A 159 -4.09 9.83 -0.27
N ASP A 160 -4.35 9.77 -1.58
CA ASP A 160 -4.86 10.94 -2.29
C ASP A 160 -6.21 11.39 -1.77
N ASN A 161 -6.94 10.54 -1.06
CA ASN A 161 -8.29 10.87 -0.63
C ASN A 161 -8.39 11.14 0.86
N ILE A 162 -7.27 11.16 1.57
CA ILE A 162 -7.28 11.59 2.97
C ILE A 162 -7.46 13.11 3.01
N GLU A 163 -8.51 13.57 3.69
CA GLU A 163 -8.80 14.99 3.80
C GLU A 163 -8.23 15.62 5.06
N SER A 164 -8.07 14.85 6.14
CA SER A 164 -7.53 15.35 7.40
C SER A 164 -7.13 14.17 8.27
N VAL A 165 -6.37 14.48 9.33
CA VAL A 165 -6.00 13.52 10.36
C VAL A 165 -6.01 14.24 11.71
N ARG A 166 -6.06 13.45 12.77
CA ARG A 166 -5.90 13.94 14.14
C ARG A 166 -4.75 13.14 14.75
N VAL A 167 -3.68 13.83 15.12
CA VAL A 167 -2.40 13.20 15.43
C VAL A 167 -2.03 13.46 16.87
N ALA A 168 -1.58 12.44 17.57
CA ALA A 168 -0.95 12.60 18.87
C ALA A 168 0.55 12.74 18.64
N LEU A 169 1.15 13.84 19.13
CA LEU A 169 2.53 14.13 18.80
C LEU A 169 3.49 13.57 19.86
N ALA A 170 4.80 13.72 19.60
CA ALA A 170 5.79 13.09 20.47
C ALA A 170 5.75 13.64 21.88
N ASN A 171 5.30 14.89 22.07
CA ASN A 171 5.22 15.48 23.40
C ASN A 171 3.81 15.53 23.94
N GLY A 172 2.90 14.72 23.43
CA GLY A 172 1.62 14.55 24.06
C GLY A 172 0.53 15.47 23.56
N SER A 173 0.89 16.58 22.91
CA SER A 173 -0.12 17.40 22.25
C SER A 173 -0.83 16.57 21.19
N ILE A 174 -2.14 16.72 21.13
CA ILE A 174 -2.96 16.09 20.10
C ILE A 174 -3.55 17.20 19.24
N VAL A 175 -3.31 17.15 17.92
CA VAL A 175 -3.68 18.23 17.02
C VAL A 175 -4.43 17.68 15.81
N ASP A 176 -5.24 18.56 15.22
CA ASP A 176 -5.87 18.32 13.94
C ASP A 176 -4.99 18.87 12.84
N ALA A 177 -4.86 18.12 11.74
CA ALA A 177 -4.07 18.57 10.60
C ALA A 177 -4.85 18.33 9.32
N ASP A 178 -4.87 19.34 8.45
CA ASP A 178 -5.43 19.21 7.09
C ASP A 178 -4.74 20.23 6.20
N ALA A 179 -5.31 20.49 5.02
CA ALA A 179 -4.68 21.40 4.08
C ALA A 179 -4.72 22.85 4.55
N LYS A 180 -5.57 23.19 5.53
CA LYS A 180 -5.69 24.55 6.00
C LYS A 180 -5.05 24.79 7.36
N GLN A 181 -4.86 23.74 8.16
CA GLN A 181 -4.37 23.86 9.54
C GLN A 181 -3.38 22.73 9.80
N ASN A 182 -2.23 23.08 10.41
CA ASN A 182 -1.09 22.17 10.57
C ASN A 182 -0.74 21.50 9.24
N SER A 183 -0.58 22.33 8.23
CA SER A 183 -0.55 21.85 6.86
C SER A 183 0.74 21.09 6.56
N ASP A 184 1.86 21.49 7.17
CA ASP A 184 3.11 20.79 6.92
C ASP A 184 3.13 19.44 7.63
N LEU A 185 2.51 19.37 8.80
CA LEU A 185 2.40 18.08 9.47
C LEU A 185 1.53 17.13 8.67
N PHE A 186 0.44 17.65 8.09
CA PHE A 186 -0.46 16.82 7.29
C PHE A 186 0.24 16.28 6.05
N TRP A 187 0.97 17.16 5.35
CA TRP A 187 1.84 16.75 4.25
C TRP A 187 2.75 15.59 4.66
N GLY A 188 3.44 15.76 5.78
CA GLY A 188 4.32 14.71 6.26
C GLY A 188 3.58 13.45 6.64
N VAL A 189 2.39 13.58 7.24
CA VAL A 189 1.64 12.39 7.62
C VAL A 189 1.22 11.60 6.39
N ARG A 190 0.97 12.29 5.27
CA ARG A 190 0.61 11.65 3.99
C ARG A 190 1.87 11.16 3.28
N GLY A 191 2.49 10.15 3.89
CA GLY A 191 3.66 9.53 3.31
C GLY A 191 4.66 9.06 4.34
N ALA A 192 4.69 9.71 5.52
CA ALA A 192 5.64 9.36 6.58
C ALA A 192 4.96 9.34 7.93
N ALA A 193 3.70 8.93 7.98
CA ALA A 193 2.93 9.02 9.21
C ALA A 193 3.66 8.38 10.38
N SER A 194 4.30 7.23 10.14
CA SER A 194 4.92 6.48 11.23
C SER A 194 6.10 7.22 11.84
N SER A 195 6.65 8.21 11.14
CA SER A 195 7.80 8.93 11.64
C SER A 195 7.41 10.18 12.42
N LEU A 196 6.13 10.40 12.65
CA LEU A 196 5.67 11.74 13.00
C LEU A 196 4.62 11.80 14.09
N GLY A 197 3.80 10.77 14.28
CA GLY A 197 2.81 10.84 15.33
C GLY A 197 2.07 9.52 15.46
N VAL A 198 1.22 9.48 16.49
CA VAL A 198 0.23 8.43 16.66
C VAL A 198 -1.04 8.97 16.02
N VAL A 199 -1.38 8.47 14.83
CA VAL A 199 -2.56 9.01 14.18
C VAL A 199 -3.79 8.30 14.74
N LEU A 200 -4.70 9.09 15.33
CA LEU A 200 -5.89 8.58 16.00
C LEU A 200 -7.13 8.63 15.15
N ASP A 201 -7.10 9.41 14.06
CA ASP A 201 -8.28 9.56 13.22
C ASP A 201 -7.84 9.97 11.83
N PHE A 202 -8.43 9.32 10.83
CA PHE A 202 -8.30 9.67 9.42
C PHE A 202 -9.67 10.06 8.88
N LYS A 203 -9.68 10.96 7.91
CA LYS A 203 -10.89 11.27 7.17
C LYS A 203 -10.62 11.07 5.70
N ILE A 204 -11.30 10.10 5.10
CA ILE A 204 -11.15 9.73 3.70
C ILE A 204 -12.44 10.07 2.99
N LYS A 205 -12.33 10.45 1.73
CA LYS A 205 -13.52 10.81 0.97
C LYS A 205 -14.18 9.54 0.45
N THR A 206 -15.51 9.52 0.46
CA THR A 206 -16.23 8.38 -0.08
C THR A 206 -16.95 8.77 -1.38
N PHE A 207 -17.52 7.76 -2.04
CA PHE A 207 -18.02 7.92 -3.39
C PHE A 207 -19.26 7.07 -3.58
N ASP A 208 -20.17 7.60 -4.38
CA ASP A 208 -21.19 6.75 -4.97
C ASP A 208 -20.55 5.79 -5.97
N PRO A 209 -21.02 4.56 -6.06
CA PRO A 209 -20.48 3.61 -7.05
C PRO A 209 -20.50 4.23 -8.44
N PRO A 210 -19.42 4.08 -9.21
CA PRO A 210 -19.35 4.70 -10.53
C PRO A 210 -20.15 3.97 -11.60
N SER A 211 -20.76 2.82 -11.28
CA SER A 211 -21.66 2.18 -12.22
C SER A 211 -22.58 1.23 -11.46
N GLN A 212 -23.70 0.89 -12.09
CA GLN A 212 -24.59 -0.13 -11.53
C GLN A 212 -24.01 -1.53 -11.73
N ARG A 213 -23.59 -1.81 -12.96
CA ARG A 213 -23.07 -3.11 -13.34
C ARG A 213 -21.56 -3.02 -13.50
N VAL A 214 -20.89 -4.12 -13.20
CA VAL A 214 -19.44 -4.21 -13.29
C VAL A 214 -19.10 -5.47 -14.07
N THR A 215 -18.29 -5.31 -15.13
CA THR A 215 -17.82 -6.41 -15.96
C THR A 215 -16.41 -6.76 -15.51
N ASN A 216 -16.24 -7.94 -14.93
CA ASN A 216 -14.89 -8.40 -14.70
C ASN A 216 -14.44 -9.25 -15.88
N TYR A 217 -13.13 -9.29 -16.11
CA TYR A 217 -12.62 -9.83 -17.36
C TYR A 217 -11.27 -10.49 -17.14
N THR A 218 -10.96 -11.40 -18.06
CA THR A 218 -9.64 -11.97 -18.24
C THR A 218 -9.31 -11.91 -19.73
N ILE A 219 -8.08 -11.49 -20.05
CA ILE A 219 -7.54 -11.50 -21.41
C ILE A 219 -6.27 -12.35 -21.35
N GLU A 220 -6.17 -13.34 -22.24
CA GLU A 220 -5.09 -14.30 -22.18
C GLU A 220 -4.86 -14.89 -23.56
N PHE A 221 -3.70 -15.52 -23.73
CA PHE A 221 -3.41 -16.23 -24.96
C PHE A 221 -4.29 -17.47 -25.08
N ASN A 222 -4.84 -17.71 -26.28
CA ASN A 222 -5.61 -18.93 -26.47
C ASN A 222 -4.74 -20.15 -26.27
N SER A 223 -5.38 -21.28 -25.93
CA SER A 223 -4.66 -22.45 -25.42
C SER A 223 -3.69 -23.04 -26.43
N SER A 224 -3.86 -22.75 -27.72
CA SER A 224 -2.97 -23.30 -28.73
C SER A 224 -1.80 -22.39 -29.05
N ALA A 225 -1.92 -21.08 -28.79
CA ALA A 225 -0.78 -20.18 -28.92
C ALA A 225 0.40 -20.72 -28.13
N LYS A 226 1.59 -20.51 -28.68
CA LYS A 226 2.81 -20.86 -27.97
C LYS A 226 3.55 -19.56 -27.67
N PRO A 227 3.20 -18.85 -26.60
CA PRO A 227 3.73 -17.50 -26.41
C PRO A 227 5.18 -17.53 -25.96
N THR A 228 5.98 -16.68 -26.60
CA THR A 228 7.37 -16.46 -26.25
C THR A 228 7.49 -15.25 -25.33
N GLN A 229 8.72 -14.92 -24.96
CA GLN A 229 8.94 -13.71 -24.17
C GLN A 229 8.47 -12.48 -24.92
N GLN A 230 8.70 -12.45 -26.23
CA GLN A 230 8.32 -11.30 -27.06
C GLN A 230 6.82 -11.08 -27.02
N ASP A 231 6.04 -12.15 -27.23
CA ASP A 231 4.59 -12.04 -27.22
C ASP A 231 4.11 -11.42 -25.90
N ASN A 232 4.75 -11.78 -24.79
CA ASN A 232 4.37 -11.23 -23.48
C ASN A 232 4.72 -9.75 -23.39
N VAL A 233 5.94 -9.40 -23.80
CA VAL A 233 6.35 -8.00 -23.88
C VAL A 233 5.35 -7.18 -24.70
N ASP A 234 4.96 -7.70 -25.87
CA ASP A 234 4.06 -6.94 -26.75
C ASP A 234 2.71 -6.73 -26.09
N ALA A 235 2.24 -7.71 -25.31
CA ALA A 235 1.00 -7.50 -24.58
C ALA A 235 1.15 -6.38 -23.56
N LEU A 236 2.29 -6.31 -22.87
CA LEU A 236 2.47 -5.25 -21.87
C LEU A 236 2.59 -3.89 -22.55
N VAL A 237 3.56 -3.75 -23.45
CA VAL A 237 3.75 -2.49 -24.18
C VAL A 237 2.46 -2.05 -24.87
N GLY A 238 1.68 -3.00 -25.38
CA GLY A 238 0.44 -2.65 -26.05
C GLY A 238 -0.63 -2.22 -25.07
N THR A 239 -0.69 -2.85 -23.90
CA THR A 239 -1.55 -2.34 -22.83
C THR A 239 -1.19 -0.91 -22.49
N GLN A 240 0.12 -0.65 -22.32
CA GLN A 240 0.60 0.71 -22.09
C GLN A 240 0.16 1.65 -23.20
N THR A 241 0.34 1.23 -24.45
CA THR A 241 -0.04 2.07 -25.58
C THR A 241 -1.51 2.45 -25.49
N TRP A 242 -2.36 1.51 -25.12
CA TRP A 242 -3.79 1.80 -25.01
C TRP A 242 -4.07 2.78 -23.89
N ALA A 243 -3.45 2.59 -22.72
CA ALA A 243 -3.66 3.48 -21.57
C ALA A 243 -3.20 4.91 -21.86
N LEU A 244 -2.17 5.05 -22.69
CA LEU A 244 -1.71 6.34 -23.15
C LEU A 244 -2.52 6.88 -24.32
N SER A 245 -3.42 6.09 -24.90
CA SER A 245 -4.16 6.47 -26.11
C SER A 245 -5.45 7.21 -25.76
N LYS A 246 -6.06 7.81 -26.79
CA LYS A 246 -7.37 8.45 -26.70
C LYS A 246 -8.50 7.46 -26.42
N ASP A 247 -8.24 6.17 -26.58
N ASP A 247 -8.25 6.16 -26.58
CA ASP A 247 -9.21 5.13 -26.25
CA ASP A 247 -9.25 5.16 -26.24
C ASP A 247 -9.26 4.81 -24.77
C ASP A 247 -9.21 4.73 -24.78
N ASN A 248 -8.32 5.34 -23.97
CA ASN A 248 -8.20 4.95 -22.57
C ASN A 248 -9.48 5.29 -21.80
N SER A 249 -9.83 4.41 -20.87
CA SER A 249 -10.91 4.65 -19.94
C SER A 249 -10.36 4.45 -18.54
N ASP A 250 -10.61 5.41 -17.66
CA ASP A 250 -10.20 5.24 -16.28
C ASP A 250 -11.15 4.34 -15.50
N LEU A 251 -12.26 3.92 -16.12
CA LEU A 251 -13.16 2.97 -15.48
C LEU A 251 -12.73 1.51 -15.72
N LEU A 252 -11.54 1.30 -16.26
CA LEU A 252 -11.01 -0.03 -16.49
C LEU A 252 -9.77 -0.21 -15.62
N SER A 253 -9.85 -1.08 -14.63
CA SER A 253 -8.67 -1.53 -13.90
C SER A 253 -8.01 -2.66 -14.68
N ILE A 254 -6.68 -2.71 -14.60
CA ILE A 254 -5.90 -3.66 -15.39
C ILE A 254 -4.75 -4.15 -14.51
N ARG A 255 -4.83 -5.41 -14.06
CA ARG A 255 -3.71 -6.08 -13.39
C ARG A 255 -3.03 -7.00 -14.41
N PHE A 256 -1.83 -6.64 -14.84
CA PHE A 256 -1.11 -7.42 -15.85
C PHE A 256 -0.26 -8.48 -15.13
N GLY A 257 -0.78 -9.71 -15.06
CA GLY A 257 -0.06 -10.79 -14.41
C GLY A 257 1.21 -11.13 -15.17
N LEU A 258 2.35 -11.11 -14.50
CA LEU A 258 3.65 -11.34 -15.15
C LEU A 258 3.96 -12.83 -15.10
N ASN A 259 3.77 -13.51 -16.22
CA ASN A 259 4.03 -14.94 -16.29
C ASN A 259 4.47 -15.28 -17.72
N VAL A 260 5.04 -16.48 -17.91
CA VAL A 260 5.39 -16.90 -19.28
C VAL A 260 4.15 -17.01 -20.16
N LYS A 261 2.97 -17.11 -19.57
CA LYS A 261 1.69 -16.91 -20.27
C LYS A 261 0.94 -15.83 -19.49
N SER A 262 1.36 -14.58 -19.66
CA SER A 262 0.79 -13.49 -18.90
C SER A 262 -0.71 -13.34 -19.19
N LYS A 263 -1.41 -12.68 -18.28
CA LYS A 263 -2.78 -12.35 -18.59
C LYS A 263 -3.22 -11.09 -17.87
N LEU A 264 -4.20 -10.42 -18.46
CA LEU A 264 -4.79 -9.21 -17.94
C LEU A 264 -6.08 -9.57 -17.23
N GLN A 265 -6.24 -9.08 -16.01
CA GLN A 265 -7.50 -9.25 -15.29
C GLN A 265 -7.87 -7.93 -14.62
N GLY A 266 -9.18 -7.71 -14.48
CA GLY A 266 -9.63 -6.50 -13.82
C GLY A 266 -11.12 -6.36 -13.96
N PHE A 267 -11.57 -5.10 -13.92
CA PHE A 267 -12.97 -4.76 -13.81
C PHE A 267 -13.22 -3.53 -14.66
N PHE A 268 -14.30 -3.53 -15.43
CA PHE A 268 -14.81 -2.33 -16.08
C PHE A 268 -16.07 -1.88 -15.37
N TYR A 269 -16.09 -0.63 -14.92
CA TYR A 269 -17.25 -0.11 -14.21
C TYR A 269 -18.24 0.42 -15.26
N GLY A 270 -19.04 -0.50 -15.77
CA GLY A 270 -19.97 -0.28 -16.87
C GLY A 270 -20.41 -1.63 -17.41
N SER A 271 -21.38 -1.59 -18.32
CA SER A 271 -21.88 -2.84 -18.89
C SER A 271 -22.10 -2.67 -20.38
N GLY A 272 -22.54 -3.76 -21.01
CA GLY A 272 -23.15 -3.65 -22.33
C GLY A 272 -22.20 -3.17 -23.39
N ALA A 273 -22.69 -2.28 -24.24
CA ALA A 273 -21.87 -1.83 -25.35
C ALA A 273 -20.70 -0.96 -24.89
N GLU A 274 -20.93 -0.16 -23.82
CA GLU A 274 -19.87 0.67 -23.25
C GLU A 274 -18.60 -0.15 -22.98
N ALA A 275 -18.74 -1.26 -22.25
CA ALA A 275 -17.59 -2.14 -22.01
C ALA A 275 -17.06 -2.73 -23.31
N LYS A 276 -17.98 -3.13 -24.20
CA LYS A 276 -17.55 -3.75 -25.44
C LYS A 276 -16.71 -2.81 -26.31
N THR A 277 -17.02 -1.51 -26.30
CA THR A 277 -16.17 -0.60 -27.04
C THR A 277 -14.80 -0.46 -26.39
N VAL A 278 -14.78 -0.39 -25.06
CA VAL A 278 -13.52 -0.32 -24.32
C VAL A 278 -12.67 -1.56 -24.60
N PHE A 279 -13.24 -2.73 -24.32
CA PHE A 279 -12.48 -3.97 -24.54
C PHE A 279 -11.99 -4.06 -25.99
N ASP A 280 -12.78 -3.58 -26.96
CA ASP A 280 -12.38 -3.66 -28.36
C ASP A 280 -11.13 -2.83 -28.64
N SER A 281 -11.06 -1.60 -28.11
CA SER A 281 -9.90 -0.78 -28.40
C SER A 281 -8.67 -1.32 -27.70
N LEU A 282 -8.84 -2.05 -26.59
CA LEU A 282 -7.71 -2.65 -25.92
C LEU A 282 -7.21 -3.89 -26.66
N MET A 283 -8.14 -4.77 -27.02
CA MET A 283 -7.76 -5.96 -27.78
C MET A 283 -7.01 -5.61 -29.06
N LYS A 284 -7.49 -4.61 -29.81
CA LYS A 284 -6.81 -4.25 -31.06
C LYS A 284 -5.37 -3.80 -30.84
N ASN A 285 -5.02 -3.33 -29.62
CA ASN A 285 -3.64 -3.02 -29.25
C ASN A 285 -2.84 -4.25 -28.83
N LEU A 286 -3.47 -5.42 -28.67
CA LEU A 286 -2.83 -6.61 -28.12
C LEU A 286 -2.48 -7.61 -29.22
N PRO A 287 -1.56 -8.53 -28.94
CA PRO A 287 -1.28 -9.60 -29.91
C PRO A 287 -2.56 -10.26 -30.37
N PRO A 288 -2.63 -10.68 -31.64
CA PRO A 288 -3.90 -11.20 -32.17
C PRO A 288 -4.30 -12.57 -31.63
N SER A 289 -3.40 -13.30 -30.96
CA SER A 289 -3.70 -14.60 -30.38
C SER A 289 -4.34 -14.52 -29.00
N MET A 290 -4.31 -13.37 -28.33
CA MET A 290 -5.00 -13.20 -27.05
C MET A 290 -6.51 -13.13 -27.25
N VAL A 291 -7.24 -13.58 -26.23
CA VAL A 291 -8.68 -13.75 -26.30
C VAL A 291 -9.28 -13.16 -25.03
N LEU A 292 -10.43 -12.51 -25.15
CA LEU A 292 -11.07 -11.87 -24.02
C LEU A 292 -12.22 -12.71 -23.50
N LYS A 293 -12.33 -12.79 -22.18
CA LYS A 293 -13.44 -13.43 -21.48
C LYS A 293 -13.98 -12.45 -20.44
N THR A 294 -15.31 -12.38 -20.32
CA THR A 294 -15.96 -11.42 -19.43
C THR A 294 -17.14 -12.07 -18.74
N ASN A 295 -17.43 -11.60 -17.52
CA ASN A 295 -18.69 -11.85 -16.81
C ASN A 295 -19.19 -10.52 -16.27
N GLU A 296 -20.46 -10.46 -15.87
CA GLU A 296 -21.07 -9.21 -15.42
C GLU A 296 -21.84 -9.39 -14.11
N TYR A 297 -21.55 -8.52 -13.14
CA TYR A 297 -22.18 -8.56 -11.82
C TYR A 297 -22.63 -7.16 -11.43
N ASP A 298 -23.51 -7.11 -10.43
CA ASP A 298 -23.85 -5.83 -9.81
C ASP A 298 -22.61 -5.25 -9.12
N PHE A 299 -22.69 -3.97 -8.76
CA PHE A 299 -21.50 -3.34 -8.21
C PHE A 299 -21.04 -4.03 -6.93
N TRP A 300 -21.96 -4.31 -6.01
CA TRP A 300 -21.51 -4.77 -4.70
C TRP A 300 -20.92 -6.18 -4.79
N ALA A 301 -21.54 -7.07 -5.58
CA ALA A 301 -20.97 -8.39 -5.78
C ALA A 301 -19.55 -8.31 -6.35
N SER A 302 -19.34 -7.40 -7.30
CA SER A 302 -18.01 -7.25 -7.89
C SER A 302 -16.97 -6.89 -6.84
N GLU A 303 -17.36 -6.16 -5.80
CA GLU A 303 -16.43 -5.80 -4.73
C GLU A 303 -15.89 -7.04 -4.02
N ALA A 304 -16.76 -8.03 -3.76
CA ALA A 304 -16.31 -9.31 -3.22
C ALA A 304 -15.39 -10.06 -4.18
N ILE A 305 -15.45 -9.77 -5.48
CA ILE A 305 -14.51 -10.39 -6.40
C ILE A 305 -13.15 -9.71 -6.32
N SER A 306 -13.15 -8.38 -6.29
CA SER A 306 -11.88 -7.65 -6.29
C SER A 306 -11.16 -7.76 -4.95
N THR A 307 -11.92 -7.96 -3.88
CA THR A 307 -11.40 -8.02 -2.52
C THR A 307 -11.94 -9.33 -1.96
N PRO A 308 -11.29 -10.45 -2.25
CA PRO A 308 -11.85 -11.75 -1.82
C PRO A 308 -11.90 -11.86 -0.32
N GLY A 309 -13.03 -12.32 0.19
CA GLY A 309 -13.25 -12.39 1.61
C GLY A 309 -13.86 -11.14 2.19
N LEU A 310 -14.31 -10.21 1.34
CA LEU A 310 -14.85 -8.94 1.83
C LEU A 310 -16.08 -9.16 2.71
N VAL A 311 -17.03 -9.97 2.25
CA VAL A 311 -18.32 -9.96 2.93
C VAL A 311 -18.22 -10.65 4.29
N ASP A 312 -17.33 -11.61 4.47
CA ASP A 312 -17.19 -12.25 5.77
C ASP A 312 -16.03 -11.68 6.59
N GLN A 313 -15.41 -10.59 6.14
CA GLN A 313 -14.28 -9.94 6.82
C GLN A 313 -13.23 -10.99 7.19
N THR A 314 -12.65 -11.54 6.13
CA THR A 314 -11.84 -12.74 6.19
C THR A 314 -10.38 -12.42 6.46
N LEU A 315 -9.70 -13.33 7.14
CA LEU A 315 -8.31 -13.13 7.52
C LEU A 315 -7.39 -13.90 6.59
N THR A 316 -6.23 -13.28 6.28
CA THR A 316 -5.18 -13.73 5.38
C THR A 316 -4.11 -14.46 6.16
N PRO A 317 -3.69 -15.66 5.74
CA PRO A 317 -2.68 -16.40 6.49
C PRO A 317 -1.35 -15.66 6.50
N ARG A 318 -0.64 -15.79 7.60
CA ARG A 318 0.70 -15.23 7.69
C ARG A 318 1.59 -15.87 6.64
N ARG A 319 2.61 -15.15 6.19
CA ARG A 319 3.45 -15.59 5.08
C ARG A 319 4.90 -15.30 5.39
N TYR A 320 5.77 -16.24 5.05
CA TYR A 320 7.21 -15.98 4.95
C TYR A 320 7.46 -15.31 3.60
N PHE A 321 7.63 -13.97 3.59
CA PHE A 321 7.33 -13.13 2.43
C PHE A 321 8.41 -12.07 2.19
N TYR A 322 8.58 -11.67 0.92
CA TYR A 322 9.42 -10.54 0.56
C TYR A 322 8.88 -9.88 -0.71
N ILE A 323 8.80 -8.56 -0.72
CA ILE A 323 8.27 -7.82 -1.86
C ILE A 323 9.24 -6.74 -2.30
N ALA A 324 9.37 -6.56 -3.61
CA ALA A 324 10.06 -5.42 -4.18
C ALA A 324 9.15 -4.78 -5.21
N SER A 325 9.13 -3.45 -5.23
CA SER A 325 8.20 -2.73 -6.08
C SER A 325 8.75 -1.36 -6.44
N VAL A 326 8.43 -0.90 -7.66
CA VAL A 326 8.66 0.48 -8.08
C VAL A 326 7.47 0.96 -8.90
N THR A 327 7.36 2.29 -8.99
CA THR A 327 6.41 2.91 -9.91
C THR A 327 7.16 3.36 -11.15
N ILE A 328 6.45 3.36 -12.27
CA ILE A 328 6.90 3.89 -13.55
C ILE A 328 6.17 5.21 -13.79
N PRO A 329 6.83 6.36 -13.63
CA PRO A 329 6.15 7.63 -13.94
C PRO A 329 5.89 7.74 -15.44
N ARG A 330 4.75 8.33 -15.77
CA ARG A 330 4.40 8.58 -17.17
C ARG A 330 5.47 9.37 -17.92
N SER A 331 6.40 10.02 -17.20
CA SER A 331 7.48 10.74 -17.86
C SER A 331 8.44 9.82 -18.61
N LYS A 332 8.51 8.54 -18.24
CA LYS A 332 9.28 7.56 -19.02
C LYS A 332 8.49 6.26 -19.09
N PRO A 333 7.61 6.14 -20.08
CA PRO A 333 6.90 4.87 -20.29
C PRO A 333 7.87 3.76 -20.65
N LEU A 334 7.41 2.53 -20.49
CA LEU A 334 8.25 1.40 -20.82
C LEU A 334 8.55 1.36 -22.32
N THR A 335 9.78 1.00 -22.65
CA THR A 335 10.09 0.69 -24.03
C THR A 335 10.17 -0.82 -24.15
N ASN A 336 10.10 -1.29 -25.40
CA ASN A 336 10.20 -2.72 -25.62
C ASN A 336 11.45 -3.27 -24.94
N ALA A 337 12.54 -2.52 -24.92
CA ALA A 337 13.75 -2.99 -24.26
C ALA A 337 13.57 -3.08 -22.73
N THR A 338 13.01 -2.03 -22.11
CA THR A 338 12.85 -2.09 -20.66
C THR A 338 11.72 -3.03 -20.26
N ALA A 339 10.64 -3.07 -21.06
CA ALA A 339 9.62 -4.11 -20.86
C ALA A 339 10.24 -5.50 -20.97
N TRP A 340 11.18 -5.67 -21.91
CA TRP A 340 11.88 -6.94 -22.04
C TRP A 340 12.68 -7.26 -20.79
N GLU A 341 13.39 -6.27 -20.25
CA GLU A 341 14.21 -6.49 -19.06
C GLU A 341 13.34 -6.88 -17.88
N LEU A 342 12.15 -6.31 -17.77
CA LEU A 342 11.22 -6.70 -16.71
C LEU A 342 10.89 -8.20 -16.80
N PHE A 343 10.54 -8.68 -18.00
CA PHE A 343 10.20 -10.11 -18.13
C PHE A 343 11.41 -10.99 -17.86
N SER A 344 12.58 -10.62 -18.38
CA SER A 344 13.78 -11.44 -18.21
C SER A 344 14.12 -11.63 -16.75
N ASN A 345 13.78 -10.65 -15.91
CA ASN A 345 14.12 -10.66 -14.51
C ASN A 345 12.97 -11.07 -13.62
N THR A 346 11.80 -11.34 -14.18
CA THR A 346 10.70 -11.82 -13.36
C THR A 346 10.16 -13.14 -13.91
N ALA A 347 9.22 -13.06 -14.86
CA ALA A 347 8.56 -14.27 -15.34
C ALA A 347 9.53 -15.23 -16.02
N PHE A 348 10.48 -14.70 -16.78
CA PHE A 348 11.39 -15.54 -17.56
C PHE A 348 12.74 -15.70 -16.87
N ALA A 349 12.85 -15.23 -15.64
CA ALA A 349 14.01 -15.53 -14.81
C ALA A 349 14.01 -17.00 -14.40
N PRO A 350 15.18 -17.56 -14.11
CA PRO A 350 15.21 -18.93 -13.57
C PRO A 350 14.40 -18.98 -12.29
N LYS A 351 13.67 -20.08 -12.11
CA LYS A 351 12.79 -20.21 -10.95
C LYS A 351 13.62 -20.21 -9.66
N LEU A 352 13.02 -19.73 -8.58
CA LEU A 352 13.74 -19.73 -7.31
C LEU A 352 13.69 -21.11 -6.68
N VAL A 353 14.79 -21.48 -6.03
CA VAL A 353 14.98 -22.86 -5.61
C VAL A 353 13.98 -23.26 -4.51
N ASP A 354 13.71 -22.35 -3.56
CA ASP A 354 12.88 -22.68 -2.40
C ASP A 354 11.82 -21.63 -2.12
N ALA A 355 11.33 -20.95 -3.16
CA ALA A 355 10.23 -20.00 -2.97
C ALA A 355 9.51 -19.81 -4.30
N SER A 356 8.27 -19.35 -4.21
CA SER A 356 7.48 -18.98 -5.37
C SER A 356 7.51 -17.47 -5.55
N ALA A 357 8.02 -17.03 -6.69
CA ALA A 357 8.02 -15.64 -7.08
C ALA A 357 6.88 -15.39 -8.06
N SER A 358 6.22 -14.24 -7.92
CA SER A 358 5.09 -13.87 -8.75
C SER A 358 4.82 -12.39 -8.53
N GLY A 359 4.01 -11.82 -9.42
CA GLY A 359 3.65 -10.42 -9.30
C GLY A 359 2.94 -9.95 -10.54
N PHE A 360 2.84 -8.64 -10.66
CA PHE A 360 2.04 -8.06 -11.73
C PHE A 360 2.47 -6.61 -11.92
N VAL A 361 2.11 -6.05 -13.06
CA VAL A 361 2.13 -4.61 -13.27
C VAL A 361 0.69 -4.14 -13.22
N ASP A 362 0.37 -3.34 -12.20
CA ASP A 362 -0.91 -2.65 -12.15
C ASP A 362 -0.82 -1.41 -13.03
N ILE A 363 -1.70 -1.31 -14.01
CA ILE A 363 -1.69 -0.18 -14.94
C ILE A 363 -2.27 1.03 -14.22
N TRP A 364 -1.58 2.17 -14.32
CA TRP A 364 -1.93 3.35 -13.54
C TRP A 364 -2.33 4.44 -14.53
N GLY A 365 -1.66 5.59 -14.53
CA GLY A 365 -2.09 6.57 -15.51
C GLY A 365 -3.50 7.06 -15.22
N GLY A 366 -4.12 7.63 -16.24
CA GLY A 366 -5.43 8.23 -16.09
C GLY A 366 -5.39 9.70 -15.69
N LYS A 367 -6.58 10.30 -15.69
CA LYS A 367 -6.71 11.76 -15.55
C LYS A 367 -6.29 12.23 -14.16
N TYR A 368 -6.76 11.52 -13.11
CA TYR A 368 -6.49 11.94 -11.74
C TYR A 368 -4.99 12.05 -11.49
N ALA A 369 -4.24 11.03 -11.92
CA ALA A 369 -2.80 11.01 -11.65
C ALA A 369 -2.10 12.15 -12.36
N LYS A 370 -2.57 12.50 -13.56
CA LYS A 370 -2.02 13.63 -14.30
C LYS A 370 -2.08 14.93 -13.48
N GLY A 371 -3.08 15.08 -12.62
CA GLY A 371 -3.24 16.26 -11.80
C GLY A 371 -2.68 16.18 -10.39
N VAL A 372 -1.98 15.11 -10.04
CA VAL A 372 -1.27 15.05 -8.77
C VAL A 372 0.06 15.76 -8.96
N LYS A 373 0.37 16.72 -8.09
CA LYS A 373 1.63 17.46 -8.15
C LYS A 373 2.67 16.80 -7.25
N ALA A 374 3.95 16.95 -7.62
CA ALA A 374 5.00 16.23 -6.90
C ALA A 374 4.97 16.55 -5.41
N ASP A 375 4.63 17.79 -5.07
CA ASP A 375 4.68 18.27 -3.70
C ASP A 375 3.33 18.24 -3.00
N ASP A 376 2.36 17.48 -3.53
CA ASP A 376 1.07 17.36 -2.85
C ASP A 376 1.18 16.62 -1.53
N SER A 377 2.24 15.85 -1.33
CA SER A 377 2.36 14.98 -0.17
C SER A 377 3.83 14.64 0.01
N ALA A 378 4.17 14.17 1.20
CA ALA A 378 5.52 13.67 1.41
C ALA A 378 5.85 12.58 0.41
N TRP A 379 4.92 11.64 0.23
CA TRP A 379 5.08 10.60 -0.79
C TRP A 379 4.93 11.20 -2.18
N LYS A 380 6.02 11.19 -2.94
CA LYS A 380 6.01 11.71 -4.31
C LYS A 380 5.40 10.65 -5.24
N HIS A 381 4.23 10.98 -5.82
CA HIS A 381 3.49 10.04 -6.65
C HIS A 381 2.80 10.76 -7.80
N ASP A 382 3.44 11.78 -8.36
CA ASP A 382 2.83 12.56 -9.43
C ASP A 382 2.82 11.78 -10.74
N ASN A 383 1.66 11.78 -11.40
CA ASN A 383 1.49 11.31 -12.78
C ASN A 383 2.21 10.00 -13.01
N ASN A 384 1.80 9.00 -12.25
CA ASN A 384 2.33 7.66 -12.42
C ASN A 384 1.60 6.95 -13.55
N LEU A 385 2.30 6.04 -14.22
CA LEU A 385 1.73 5.29 -15.33
C LEU A 385 1.61 3.80 -15.05
N HIS A 386 2.53 3.24 -14.25
CA HIS A 386 2.54 1.82 -13.91
C HIS A 386 2.93 1.63 -12.45
N LEU A 387 2.43 0.55 -11.85
CA LEU A 387 2.89 0.09 -10.54
C LEU A 387 3.38 -1.36 -10.70
N VAL A 388 4.69 -1.57 -10.54
CA VAL A 388 5.32 -2.88 -10.70
C VAL A 388 5.50 -3.53 -9.34
N ARG A 389 4.96 -4.74 -9.17
CA ARG A 389 5.12 -5.52 -7.96
C ARG A 389 5.68 -6.90 -8.28
N TRP A 390 6.73 -7.30 -7.58
CA TRP A 390 7.28 -8.65 -7.70
C TRP A 390 7.63 -9.13 -6.31
N ASP A 391 7.09 -10.27 -5.89
CA ASP A 391 7.28 -10.73 -4.53
C ASP A 391 7.62 -12.22 -4.50
N MET A 392 8.18 -12.68 -3.37
CA MET A 392 8.39 -14.10 -3.19
C MET A 392 7.74 -14.54 -1.90
N ARG A 393 7.36 -15.80 -1.86
CA ARG A 393 6.75 -16.36 -0.67
C ARG A 393 7.11 -17.84 -0.60
N SER A 394 7.09 -18.38 0.61
CA SER A 394 7.10 -19.81 0.74
C SER A 394 5.67 -20.30 0.76
N SER A 395 5.49 -21.62 0.79
CA SER A 395 4.17 -22.22 0.76
C SER A 395 3.45 -22.13 2.09
N ALA A 396 4.16 -21.83 3.18
CA ALA A 396 3.57 -21.82 4.52
C ALA A 396 4.38 -20.89 5.40
N PHE A 397 3.72 -20.33 6.43
CA PHE A 397 4.40 -19.38 7.30
C PHE A 397 5.56 -20.02 8.05
N ASP A 398 5.47 -21.32 8.35
CA ASP A 398 6.53 -22.03 9.05
C ASP A 398 7.52 -22.71 8.10
N VAL A 399 7.43 -22.44 6.80
CA VAL A 399 8.40 -22.90 5.81
C VAL A 399 9.20 -21.68 5.38
N LYS A 400 10.53 -21.76 5.47
CA LYS A 400 11.38 -20.59 5.21
C LYS A 400 12.06 -20.72 3.86
N PHE A 401 12.57 -19.60 3.34
CA PHE A 401 13.50 -19.62 2.22
C PHE A 401 14.79 -18.94 2.64
N ALA A 402 15.92 -19.37 2.08
CA ALA A 402 17.20 -18.84 2.50
C ALA A 402 17.32 -17.35 2.18
N ASP A 403 18.18 -16.65 2.95
CA ASP A 403 18.45 -15.24 2.66
C ASP A 403 19.05 -15.08 1.27
N SER A 404 19.93 -16.01 0.88
CA SER A 404 20.56 -15.95 -0.43
C SER A 404 19.54 -16.07 -1.56
N THR A 405 18.42 -16.72 -1.31
CA THR A 405 17.35 -16.78 -2.31
C THR A 405 16.70 -15.42 -2.49
N MET A 406 16.49 -14.70 -1.39
CA MET A 406 15.89 -13.37 -1.49
C MET A 406 16.88 -12.39 -2.09
N THR A 407 18.17 -12.55 -1.76
CA THR A 407 19.22 -11.77 -2.42
C THR A 407 19.16 -11.92 -3.93
N THR A 408 19.15 -13.17 -4.40
CA THR A 408 19.13 -13.43 -5.84
C THR A 408 17.93 -12.78 -6.49
N MET A 409 16.74 -13.00 -5.91
CA MET A 409 15.53 -12.39 -6.44
C MET A 409 15.64 -10.87 -6.45
N ARG A 410 16.19 -10.29 -5.38
CA ARG A 410 16.28 -8.83 -5.30
C ARG A 410 17.21 -8.27 -6.37
N ASN A 411 18.36 -8.90 -6.59
CA ASN A 411 19.30 -8.43 -7.60
C ASN A 411 18.69 -8.50 -9.00
N SER A 412 17.84 -9.49 -9.25
CA SER A 412 17.20 -9.57 -10.55
C SER A 412 16.23 -8.40 -10.77
N PHE A 413 15.36 -8.14 -9.79
CA PHE A 413 14.40 -7.05 -9.93
C PHE A 413 15.12 -5.72 -10.15
N TYR A 414 16.18 -5.47 -9.39
CA TYR A 414 16.87 -4.20 -9.56
C TYR A 414 17.75 -4.16 -10.79
N LYS A 415 17.97 -5.30 -11.46
CA LYS A 415 18.50 -5.23 -12.81
C LYS A 415 17.48 -4.62 -13.77
N PHE A 416 16.20 -4.94 -13.56
CA PHE A 416 15.17 -4.25 -14.34
C PHE A 416 15.15 -2.77 -14.00
N VAL A 417 15.09 -2.43 -12.69
CA VAL A 417 15.03 -1.03 -12.28
C VAL A 417 16.19 -0.26 -12.88
N ASP A 418 17.36 -0.89 -12.95
CA ASP A 418 18.55 -0.21 -13.45
C ASP A 418 18.46 0.03 -14.95
N ALA A 419 17.94 -0.95 -15.69
CA ALA A 419 17.68 -0.76 -17.11
C ALA A 419 16.65 0.34 -17.34
N TYR A 420 15.59 0.35 -16.52
CA TYR A 420 14.62 1.42 -16.62
C TYR A 420 15.29 2.78 -16.42
N LYS A 421 16.08 2.91 -15.35
CA LYS A 421 16.88 4.12 -15.15
C LYS A 421 17.76 4.41 -16.37
N ALA A 422 18.45 3.38 -16.86
CA ALA A 422 19.30 3.52 -18.03
C ALA A 422 18.54 4.06 -19.23
N SER A 423 17.24 3.74 -19.34
CA SER A 423 16.41 4.25 -20.43
C SER A 423 16.05 5.71 -20.26
N GLY A 424 16.32 6.31 -19.11
CA GLY A 424 15.91 7.66 -18.82
C GLY A 424 14.92 7.77 -17.68
N GLY A 425 14.31 6.67 -17.26
CA GLY A 425 13.26 6.74 -16.26
C GLY A 425 13.79 7.11 -14.89
N VAL A 426 12.93 7.74 -14.10
CA VAL A 426 13.28 8.02 -12.72
C VAL A 426 12.27 7.28 -11.85
N PRO A 427 12.50 5.99 -11.57
CA PRO A 427 11.46 5.19 -10.90
C PRO A 427 11.10 5.76 -9.55
N GLY A 428 9.82 5.63 -9.19
CA GLY A 428 9.35 5.96 -7.88
C GLY A 428 9.08 4.74 -7.03
N GLY A 429 8.34 4.96 -5.95
CA GLY A 429 8.09 3.92 -4.99
C GLY A 429 6.65 3.94 -4.53
N PHE A 430 6.27 2.88 -3.83
CA PHE A 430 4.90 2.67 -3.38
C PHE A 430 4.97 2.27 -1.92
N THR A 431 4.55 3.18 -1.04
CA THR A 431 4.86 3.03 0.39
C THR A 431 4.37 1.71 0.97
N THR A 432 3.17 1.27 0.60
CA THR A 432 2.67 0.01 1.16
C THR A 432 3.38 -1.20 0.58
N TYR A 433 4.09 -1.03 -0.55
CA TYR A 433 4.96 -2.05 -1.12
C TYR A 433 6.44 -1.67 -0.94
N ARG A 434 6.78 -0.99 0.16
CA ARG A 434 8.16 -0.59 0.37
C ARG A 434 9.09 -1.79 0.48
N ASP A 435 10.30 -1.63 -0.08
CA ASP A 435 11.37 -2.63 -0.06
C ASP A 435 12.02 -2.64 1.32
N GLU A 436 11.77 -3.70 2.10
CA GLU A 436 12.32 -3.73 3.45
C GLU A 436 13.84 -3.61 3.48
N LYS A 437 14.51 -3.80 2.34
CA LYS A 437 15.97 -3.79 2.28
C LYS A 437 16.54 -2.50 1.71
N TRP A 438 15.72 -1.46 1.56
CA TRP A 438 16.22 -0.15 1.17
C TRP A 438 17.11 0.45 2.24
N THR A 439 18.22 1.04 1.80
CA THR A 439 18.94 2.01 2.61
C THR A 439 18.15 3.31 2.68
N VAL A 440 18.60 4.23 3.53
CA VAL A 440 17.97 5.54 3.57
C VAL A 440 18.13 6.25 2.23
N GLU A 441 19.33 6.20 1.65
CA GLU A 441 19.54 6.78 0.33
C GLU A 441 18.48 6.28 -0.65
N GLU A 442 18.23 4.97 -0.66
CA GLU A 442 17.24 4.39 -1.56
C GLU A 442 15.82 4.82 -1.19
N MET A 443 15.50 4.85 0.11
CA MET A 443 14.15 5.22 0.55
C MET A 443 13.83 6.67 0.18
N ALA A 444 14.82 7.55 0.27
CA ALA A 444 14.56 8.94 -0.10
C ALA A 444 14.38 9.08 -1.60
N GLU A 445 15.26 8.47 -2.38
CA GLU A 445 15.15 8.56 -3.83
C GLU A 445 13.80 8.03 -4.30
N TYR A 446 13.38 6.86 -3.80
CA TYR A 446 12.22 6.19 -4.35
C TYR A 446 10.91 6.78 -3.82
N LEU A 447 10.83 7.02 -2.51
CA LEU A 447 9.60 7.49 -1.90
C LEU A 447 9.48 9.00 -1.82
N TYR A 448 10.59 9.72 -1.68
CA TYR A 448 10.56 11.14 -1.30
C TYR A 448 11.48 11.97 -2.19
N GLY A 449 11.33 11.82 -3.50
CA GLY A 449 12.17 12.52 -4.45
C GLY A 449 11.67 13.93 -4.69
N GLY A 450 12.30 14.57 -5.68
CA GLY A 450 11.92 15.93 -6.05
C GLY A 450 12.14 16.94 -4.95
N GLY A 451 13.08 16.68 -4.06
CA GLY A 451 13.31 17.53 -2.92
C GLY A 451 12.34 17.32 -1.78
N ASN A 452 11.48 16.32 -1.85
CA ASN A 452 10.53 16.11 -0.77
C ASN A 452 11.23 15.71 0.52
N PHE A 453 12.34 14.96 0.43
CA PHE A 453 12.96 14.38 1.62
C PHE A 453 13.46 15.46 2.56
N ALA A 454 14.21 16.43 2.02
CA ALA A 454 14.73 17.52 2.84
C ALA A 454 13.59 18.24 3.56
N LYS A 455 12.53 18.60 2.83
CA LYS A 455 11.36 19.22 3.45
C LYS A 455 10.80 18.30 4.53
N LEU A 456 10.84 16.99 4.28
CA LEU A 456 10.36 16.01 5.25
C LEU A 456 11.20 16.03 6.52
N GLN A 457 12.52 16.11 6.38
CA GLN A 457 13.40 16.16 7.55
C GLN A 457 13.14 17.44 8.35
N LYS A 458 12.93 18.55 7.65
CA LYS A 458 12.63 19.80 8.32
C LYS A 458 11.37 19.65 9.17
N ILE A 459 10.33 19.02 8.61
CA ILE A 459 9.10 18.83 9.38
C ILE A 459 9.32 17.83 10.51
N LYS A 460 10.14 16.80 10.26
CA LYS A 460 10.49 15.85 11.30
C LYS A 460 11.19 16.56 12.46
N THR A 461 12.23 17.33 12.14
CA THR A 461 12.99 18.01 13.19
C THR A 461 12.09 18.92 14.02
N ALA A 462 11.06 19.51 13.41
CA ALA A 462 10.15 20.41 14.12
C ALA A 462 9.16 19.65 14.99
N TYR A 463 8.67 18.49 14.54
CA TYR A 463 7.60 17.81 15.27
C TYR A 463 8.06 16.60 16.07
N ASP A 464 9.28 16.12 15.87
CA ASP A 464 9.79 15.02 16.70
C ASP A 464 11.31 15.08 16.76
N PRO A 465 11.88 16.10 17.41
CA PRO A 465 13.34 16.27 17.36
C PRO A 465 14.10 15.30 18.25
N ASN A 466 13.48 14.70 19.26
CA ASN A 466 14.12 13.66 20.03
C ASN A 466 14.00 12.26 19.40
N GLU A 467 13.45 12.18 18.19
CA GLU A 467 13.29 10.93 17.45
C GLU A 467 12.63 9.84 18.28
N VAL A 468 11.52 10.22 18.94
CA VAL A 468 10.67 9.25 19.63
C VAL A 468 10.11 8.22 18.66
N PHE A 469 9.86 8.63 17.42
CA PHE A 469 9.20 7.79 16.41
C PHE A 469 10.20 7.21 15.43
N ASN A 470 11.31 6.69 15.93
CA ASN A 470 12.35 6.12 15.07
C ASN A 470 12.58 4.69 15.55
N THR A 471 11.66 3.82 15.15
CA THR A 471 11.73 2.40 15.45
C THR A 471 12.22 1.57 14.28
N ASP A 472 12.51 2.19 13.14
CA ASP A 472 12.88 1.46 11.94
C ASP A 472 14.05 2.13 11.23
N PRO A 473 14.96 1.34 10.64
CA PRO A 473 16.02 1.92 9.78
C PRO A 473 15.52 2.84 8.67
N GLN A 474 14.23 2.78 8.32
CA GLN A 474 13.65 3.69 7.33
C GLN A 474 12.81 4.81 7.94
N ALA A 475 12.85 4.98 9.26
CA ALA A 475 12.20 6.13 9.87
C ALA A 475 12.97 7.39 9.49
N ILE A 476 12.25 8.48 9.30
CA ILE A 476 12.88 9.72 8.86
C ILE A 476 13.77 10.26 9.97
N PRO A 477 15.06 10.48 9.71
CA PRO A 477 15.92 11.08 10.75
C PRO A 477 15.73 12.59 10.84
N ALA A 478 16.01 13.11 12.03
CA ALA A 478 15.95 14.54 12.29
C ALA A 478 17.27 15.22 11.94
N LEU A 479 17.24 16.54 11.88
CA LEU A 479 18.45 17.34 11.70
C LEU A 479 19.07 17.71 13.05
C1 NAG B . 13.15 -6.81 -27.55
C2 NAG B . 13.33 -6.59 -29.04
C3 NAG B . 14.33 -7.60 -29.56
C4 NAG B . 15.63 -7.51 -28.78
C5 NAG B . 15.42 -7.45 -27.26
C6 NAG B . 16.65 -6.97 -26.53
C7 NAG B . 11.72 -5.77 -30.69
C8 NAG B . 12.68 -4.63 -30.91
N2 NAG B . 12.08 -6.67 -29.77
O3 NAG B . 14.53 -7.25 -30.93
O4 NAG B . 16.43 -8.65 -29.04
O5 NAG B . 14.36 -6.55 -26.90
O6 NAG B . 16.97 -5.62 -26.88
O7 NAG B . 10.66 -5.85 -31.30
PA FAD C . 0.59 -2.25 10.14
O1A FAD C . 1.81 -3.10 10.34
O2A FAD C . -0.43 -2.35 11.25
O5B FAD C . 1.04 -0.74 9.85
C5B FAD C . 1.81 -0.39 8.65
C4B FAD C . 2.75 0.76 8.93
O4B FAD C . 1.99 1.98 9.15
C3B FAD C . 3.64 0.61 10.16
O3B FAD C . 4.84 1.36 10.01
C2B FAD C . 2.77 1.24 11.25
O2B FAD C . 3.55 1.60 12.39
C1B FAD C . 2.16 2.42 10.49
N9A FAD C . 0.87 2.83 11.02
C8A FAD C . -0.30 2.12 10.98
N7A FAD C . -1.31 2.70 11.57
C5A FAD C . -0.77 3.89 12.05
C6A FAD C . -1.31 4.97 12.77
N6A FAD C . -2.59 5.03 13.16
N1A FAD C . -0.49 6.00 13.08
C2A FAD C . 0.78 5.95 12.70
N3A FAD C . 1.42 4.97 12.02
C4A FAD C . 0.58 3.97 11.72
N1 FAD C . -1.24 -2.69 -0.37
C2 FAD C . -1.82 -2.01 -1.41
O2 FAD C . -1.52 -0.84 -1.67
N3 FAD C . -2.77 -2.63 -2.19
C4 FAD C . -3.23 -3.93 -2.04
O4 FAD C . -4.09 -4.36 -2.80
C4X FAD C . -2.59 -4.65 -0.93
N5 FAD C . -2.96 -5.89 -0.70
C5X FAD C . -2.35 -6.56 0.37
C6 FAD C . -2.72 -7.88 0.64
C7 FAD C . -2.14 -8.59 1.70
C7M FAD C . -2.57 -10.01 1.96
C8 FAD C . -1.18 -7.97 2.51
C8M FAD C . -0.53 -8.70 3.66
C9 FAD C . -0.81 -6.64 2.24
C9A FAD C . -1.38 -5.94 1.18
N10 FAD C . -1.03 -4.61 0.90
C10 FAD C . -1.62 -3.93 -0.15
C1' FAD C . 0.00 -3.93 1.68
C2' FAD C . -0.53 -3.06 2.80
O2' FAD C . -1.17 -1.90 2.25
C3' FAD C . 0.63 -2.58 3.65
O3' FAD C . 1.36 -3.70 4.13
C4' FAD C . 0.22 -1.67 4.81
O4' FAD C . 1.39 -1.20 5.48
C5' FAD C . -0.74 -2.37 5.73
O5' FAD C . -1.06 -1.50 6.84
P FAD C . -1.51 -2.07 8.23
O1P FAD C . -2.52 -3.15 8.13
O2P FAD C . -1.94 -0.90 9.13
O3P FAD C . -0.15 -2.66 8.80
O1 OXY D . -4.58 -3.41 0.67
O2 OXY D . -5.57 -4.03 0.97
C1 NAG E . 4.22 20.13 20.41
C2 NAG E . 4.07 21.37 21.23
C3 NAG E . 3.39 22.44 20.38
C4 NAG E . 4.13 22.60 19.05
C5 NAG E . 4.48 21.27 18.40
C6 NAG E . 5.47 21.42 17.26
C7 NAG E . 3.88 21.09 23.67
C8 NAG E . 2.95 20.78 24.81
N2 NAG E . 3.32 21.10 22.46
O3 NAG E . 3.33 23.67 21.10
O4 NAG E . 3.30 23.27 18.10
O5 NAG E . 5.09 20.38 19.34
O6 NAG E . 6.81 21.52 17.73
O7 NAG E . 5.08 21.32 23.85
C1 NAG F . -3.92 -19.04 -31.96
C2 NAG F . -4.60 -18.06 -32.89
C3 NAG F . -4.04 -18.23 -34.31
C4 NAG F . -2.51 -18.28 -34.31
C5 NAG F . -1.95 -19.14 -33.17
C6 NAG F . -0.46 -19.00 -32.98
C7 NAG F . -6.90 -17.40 -32.29
C8 NAG F . -8.35 -17.77 -32.38
N2 NAG F . -6.04 -18.24 -32.89
O3 NAG F . -4.50 -17.14 -35.10
O4 NAG F . -2.07 -18.85 -35.53
O5 NAG F . -2.57 -18.79 -31.92
O6 NAG F . -0.16 -18.10 -31.92
O7 NAG F . -6.53 -16.38 -31.70
C1 NAG G . -15.84 -13.62 -12.64
C2 NAG G . -14.80 -14.41 -13.41
C3 NAG G . -14.96 -15.89 -13.08
C4 NAG G . -14.98 -16.10 -11.57
C5 NAG G . -15.94 -15.12 -10.88
C6 NAG G . -15.79 -15.12 -9.38
C7 NAG G . -13.92 -13.74 -15.63
C8 NAG G . -14.26 -13.59 -17.08
N2 NAG G . -14.91 -14.18 -14.84
O3 NAG G . -13.83 -16.56 -13.65
O4 NAG G . -15.40 -17.43 -11.24
O5 NAG G . -15.64 -13.78 -11.30
O6 NAG G . -14.45 -14.78 -9.05
O7 NAG G . -12.80 -13.49 -15.20
C1 MAN H . 12.41 -1.36 25.90
C2 MAN H . 13.87 -1.72 25.45
C3 MAN H . 14.33 -3.05 26.10
C4 MAN H . 14.10 -2.99 27.63
C5 MAN H . 12.61 -2.73 27.89
C6 MAN H . 12.22 -2.71 29.37
O2 MAN H . 14.78 -0.73 25.88
O3 MAN H . 15.69 -3.39 25.81
O4 MAN H . 14.47 -4.20 28.25
O5 MAN H . 12.27 -1.43 27.31
O6 MAN H . 12.78 -1.56 29.99
#